data_9DMF
#
_entry.id   9DMF
#
_cell.length_a   53.457
_cell.length_b   65.355
_cell.length_c   133.257
_cell.angle_alpha   90.000
_cell.angle_beta   90.000
_cell.angle_gamma   90.000
#
_symmetry.space_group_name_H-M   'P 21 21 21'
#
loop_
_entity.id
_entity.type
_entity.pdbx_description
1 polymer 'LJF-0085 Fab heavy chain'
2 polymer 'LJF-0085 Fab light chain'
3 water water
#
loop_
_entity_poly.entity_id
_entity_poly.type
_entity_poly.pdbx_seq_one_letter_code
_entity_poly.pdbx_strand_id
1 'polypeptide(L)'
;QVQLQESGPGLVKPSETLSLTCTVSGGSIDDYFWNWVRQPPGKPLECIGYIFGRGGGTKYNPSLDNRVTISTDTPNQFSL
KLRSVTVADTAIYYCARWNLYDDDFGYNSFAVWGRGVLVTVSSASTKGPSVFPLAPSSKSTSGGTAALGCLVKDYFPEPV
TVSWNSGALTSGVHTFPAVLQSSGLYSLSSVVTVPSSSLGTQTYICNVNHKPSNTKVDKKVEPKSCD
;
H
2 'polypeptide(L)'
;DIQMTQSPSSLSASVGDTVTITCQARHAVGKNLNWYQQKPGRGPQLLIYMASSRHSGVPSRFRGSGSGREFTLTINNLQP
EDFATYSCQQGYTYPWTFGQGTKVEMKGAVAAPSVFIFPPSDEQLKSGTASVVCLLNNFYPREAKVQWKVDNALQSGNSQ
ESVTEQDSKDSTYSLSSTLTLSKADYEKHKVYACEVTHQGLRSPVTKSFNRGEC
;
L
#
# COMPACT_ATOMS: atom_id res chain seq x y z
N GLN A 1 -17.35 16.02 18.80
CA GLN A 1 -16.13 15.93 19.58
C GLN A 1 -15.88 14.50 20.08
N VAL A 2 -16.68 13.55 19.60
CA VAL A 2 -16.49 12.15 19.93
C VAL A 2 -15.40 11.62 19.02
N GLN A 3 -14.35 11.11 19.64
CA GLN A 3 -13.20 10.60 18.89
C GLN A 3 -12.92 9.18 19.33
N LEU A 4 -12.46 8.37 18.36
CA LEU A 4 -12.09 6.98 18.64
C LEU A 4 -10.63 6.77 18.30
N GLN A 5 -9.98 5.92 19.10
CA GLN A 5 -8.62 5.58 18.71
C GLN A 5 -8.27 4.16 19.15
N GLU A 6 -7.61 3.43 18.26
CA GLU A 6 -7.20 2.07 18.54
C GLU A 6 -5.83 2.03 19.22
N SER A 7 -5.64 1.05 20.10
CA SER A 7 -4.35 0.83 20.73
C SER A 7 -4.13 -0.65 20.94
N GLY A 8 -2.88 -1.05 21.05
CA GLY A 8 -2.49 -2.41 21.34
C GLY A 8 -1.31 -2.81 20.47
N PRO A 9 -0.80 -4.04 20.65
CA PRO A 9 0.40 -4.45 19.94
C PRO A 9 0.26 -4.39 18.42
N GLY A 10 1.29 -3.90 17.75
CA GLY A 10 1.36 -3.95 16.30
C GLY A 10 1.89 -5.26 15.71
N LEU A 11 2.29 -6.23 16.54
CA LEU A 11 2.88 -7.48 16.09
C LEU A 11 2.27 -8.60 16.92
N VAL A 12 1.78 -9.63 16.25
CA VAL A 12 1.24 -10.82 16.91
C VAL A 12 1.89 -12.04 16.26
N LYS A 13 2.29 -13.00 17.08
CA LYS A 13 2.88 -14.20 16.50
C LYS A 13 1.79 -15.15 16.00
N PRO A 14 2.05 -15.95 14.97
CA PRO A 14 1.02 -16.86 14.44
C PRO A 14 0.58 -17.80 15.54
N SER A 15 -0.74 -18.07 15.55
CA SER A 15 -1.48 -18.93 16.47
C SER A 15 -1.89 -18.19 17.76
N GLU A 16 -1.32 -17.04 18.05
CA GLU A 16 -1.61 -16.28 19.25
C GLU A 16 -2.86 -15.41 19.03
N THR A 17 -3.30 -14.78 20.12
CA THR A 17 -4.50 -13.95 20.10
C THR A 17 -4.12 -12.49 19.87
N LEU A 18 -4.77 -11.88 18.88
CA LEU A 18 -4.62 -10.45 18.65
C LEU A 18 -5.60 -9.72 19.58
N SER A 19 -5.11 -8.76 20.32
CA SER A 19 -5.95 -7.95 21.22
C SER A 19 -5.79 -6.48 20.88
N LEU A 20 -6.92 -5.77 20.76
CA LEU A 20 -6.88 -4.33 20.54
C LEU A 20 -7.93 -3.67 21.41
N THR A 21 -7.69 -2.41 21.75
CA THR A 21 -8.66 -1.60 22.50
C THR A 21 -9.01 -0.37 21.69
N CYS A 22 -10.28 0.02 21.71
CA CYS A 22 -10.73 1.30 21.20
C CYS A 22 -11.14 2.18 22.37
N THR A 23 -10.51 3.36 22.44
CA THR A 23 -10.84 4.33 23.47
C THR A 23 -11.69 5.41 22.85
N VAL A 24 -12.87 5.63 23.45
CA VAL A 24 -13.75 6.69 23.03
C VAL A 24 -13.47 7.86 23.96
N SER A 25 -13.16 8.99 23.37
CA SER A 25 -12.96 10.19 24.16
C SER A 25 -13.95 11.25 23.71
N GLY A 26 -14.18 12.19 24.61
CA GLY A 26 -15.15 13.24 24.32
C GLY A 26 -16.51 12.76 24.76
N GLY A 27 -17.02 11.76 24.03
CA GLY A 27 -18.12 10.93 24.46
C GLY A 27 -17.67 9.70 25.25
N SER A 28 -18.59 8.74 25.40
CA SER A 28 -18.34 7.47 26.09
C SER A 28 -19.06 6.36 25.33
N ILE A 29 -18.91 5.13 25.78
CA ILE A 29 -19.60 4.00 25.16
C ILE A 29 -21.08 4.10 25.43
N ASP A 30 -21.84 4.40 24.38
CA ASP A 30 -23.27 4.60 24.52
C ASP A 30 -24.13 3.84 23.52
N ASP A 31 -25.34 4.31 23.27
CA ASP A 31 -26.29 3.54 22.49
C ASP A 31 -26.15 3.51 20.99
N TYR A 32 -25.02 2.98 20.58
CA TYR A 32 -24.69 2.77 19.16
C TYR A 32 -24.12 1.35 19.01
N PHE A 33 -23.86 0.94 17.77
CA PHE A 33 -23.08 -0.28 17.56
C PHE A 33 -21.59 0.12 17.43
N TRP A 34 -20.81 -0.41 18.35
CA TRP A 34 -19.35 -0.16 18.48
C TRP A 34 -18.66 -1.29 17.73
N ASN A 35 -18.02 -0.95 16.62
CA ASN A 35 -17.57 -1.91 15.63
C ASN A 35 -16.06 -1.99 15.52
N TRP A 36 -15.60 -3.15 15.10
CA TRP A 36 -14.26 -3.34 14.56
C TRP A 36 -14.40 -3.70 13.09
N VAL A 37 -13.49 -3.11 12.28
CA VAL A 37 -13.43 -3.28 10.82
C VAL A 37 -11.95 -3.46 10.49
N ARG A 38 -11.62 -4.16 9.42
CA ARG A 38 -10.20 -4.24 9.04
C ARG A 38 -10.03 -4.16 7.54
N GLN A 39 -8.81 -3.82 7.15
CA GLN A 39 -8.43 -3.87 5.73
C GLN A 39 -7.10 -4.57 5.56
N PRO A 40 -7.10 -5.82 5.12
CA PRO A 40 -5.85 -6.49 4.81
C PRO A 40 -5.29 -5.87 3.55
N PRO A 41 -3.97 -5.89 3.39
CA PRO A 41 -3.38 -5.24 2.20
C PRO A 41 -3.87 -5.94 0.93
N GLY A 42 -4.34 -5.15 -0.03
CA GLY A 42 -4.85 -5.68 -1.28
C GLY A 42 -6.24 -6.27 -1.23
N LYS A 43 -6.96 -6.14 -0.13
CA LYS A 43 -8.29 -6.72 0.00
C LYS A 43 -9.27 -5.64 0.41
N PRO A 44 -10.56 -5.92 0.29
CA PRO A 44 -11.56 -4.92 0.67
C PRO A 44 -11.60 -4.72 2.17
N LEU A 45 -12.14 -3.56 2.58
CA LEU A 45 -12.55 -3.40 3.97
C LEU A 45 -13.53 -4.53 4.36
N GLU A 46 -13.41 -5.02 5.62
CA GLU A 46 -14.18 -6.17 6.09
C GLU A 46 -14.70 -5.86 7.48
N CYS A 47 -16.01 -6.01 7.69
CA CYS A 47 -16.58 -5.88 9.04
C CYS A 47 -16.15 -7.08 9.89
N ILE A 48 -15.76 -6.83 11.13
CA ILE A 48 -15.37 -7.92 12.06
C ILE A 48 -16.48 -8.25 13.03
N GLY A 49 -16.95 -7.24 13.76
CA GLY A 49 -18.05 -7.46 14.69
C GLY A 49 -18.40 -6.19 15.42
N TYR A 50 -19.50 -6.26 16.19
CA TYR A 50 -19.88 -5.11 17.00
C TYR A 50 -20.54 -5.53 18.30
N ILE A 51 -20.67 -4.53 19.19
CA ILE A 51 -21.47 -4.65 20.41
C ILE A 51 -22.34 -3.41 20.52
N PHE A 52 -23.58 -3.60 21.00
CA PHE A 52 -24.45 -2.46 21.29
C PHE A 52 -24.28 -1.98 22.73
N GLY A 53 -24.04 -0.67 22.89
CA GLY A 53 -24.00 -0.07 24.22
C GLY A 53 -22.95 -0.72 25.11
N ARG A 54 -23.20 -0.67 26.43
CA ARG A 54 -22.31 -1.28 27.41
C ARG A 54 -22.86 -2.68 27.69
N GLY A 55 -22.21 -3.70 27.15
CA GLY A 55 -22.69 -5.04 27.40
C GLY A 55 -24.02 -5.42 26.78
N GLY A 56 -24.41 -4.81 25.65
CA GLY A 56 -25.61 -5.19 24.92
C GLY A 56 -25.30 -6.30 23.93
N GLY A 57 -26.21 -6.52 22.99
CA GLY A 57 -26.04 -7.63 22.05
C GLY A 57 -24.81 -7.45 21.18
N THR A 58 -24.20 -8.58 20.83
CA THR A 58 -23.10 -8.58 19.86
C THR A 58 -23.52 -9.23 18.56
N LYS A 59 -22.71 -8.95 17.52
CA LYS A 59 -22.85 -9.65 16.24
C LYS A 59 -21.46 -9.74 15.63
N TYR A 60 -21.06 -10.92 15.15
CA TYR A 60 -19.74 -11.15 14.58
C TYR A 60 -19.89 -11.63 13.15
N ASN A 61 -18.97 -11.20 12.31
CA ASN A 61 -19.01 -11.66 10.93
C ASN A 61 -18.69 -13.15 10.88
N PRO A 62 -19.50 -13.96 10.17
CA PRO A 62 -19.06 -15.36 9.99
C PRO A 62 -17.72 -15.59 9.26
N SER A 63 -17.20 -14.61 8.57
CA SER A 63 -15.96 -14.76 7.82
C SER A 63 -14.74 -14.91 8.73
N LEU A 64 -14.95 -14.66 10.01
CA LEU A 64 -13.83 -14.66 10.94
C LEU A 64 -13.76 -15.99 11.66
N ASP A 65 -14.55 -16.92 11.17
CA ASP A 65 -14.55 -18.27 11.72
C ASP A 65 -14.69 -18.45 13.23
N ASN A 66 -15.51 -17.63 13.92
CA ASN A 66 -15.79 -17.78 15.38
C ASN A 66 -14.58 -17.55 16.31
N ARG A 67 -13.66 -16.77 15.82
CA ARG A 67 -12.45 -16.42 16.53
C ARG A 67 -12.55 -15.08 17.24
N VAL A 68 -13.69 -14.39 17.15
CA VAL A 68 -13.82 -13.02 17.67
C VAL A 68 -14.56 -12.96 19.00
N THR A 69 -14.08 -12.09 19.87
CA THR A 69 -14.84 -11.64 21.04
C THR A 69 -14.71 -10.13 21.15
N ILE A 70 -15.83 -9.46 21.40
CA ILE A 70 -15.85 -8.02 21.61
C ILE A 70 -16.54 -7.75 22.93
N SER A 71 -15.93 -6.86 23.74
CA SER A 71 -16.49 -6.57 25.06
C SER A 71 -16.30 -5.10 25.39
N THR A 72 -17.11 -4.56 26.31
CA THR A 72 -16.99 -3.16 26.74
C THR A 72 -16.54 -3.13 28.18
N ASP A 73 -15.24 -3.06 28.38
CA ASP A 73 -14.69 -3.32 29.70
C ASP A 73 -14.65 -2.12 30.62
N THR A 74 -14.75 -0.91 30.09
CA THR A 74 -14.84 0.32 30.89
C THR A 74 -15.89 1.23 30.27
N PRO A 75 -16.25 2.33 30.91
CA PRO A 75 -17.19 3.26 30.30
C PRO A 75 -16.71 3.88 28.99
N ASN A 76 -15.41 3.83 28.69
CA ASN A 76 -14.87 4.50 27.53
C ASN A 76 -14.08 3.58 26.62
N GLN A 77 -14.09 2.28 26.87
CA GLN A 77 -13.27 1.39 26.04
C GLN A 77 -14.07 0.17 25.60
N PHE A 78 -13.84 -0.25 24.36
CA PHE A 78 -14.28 -1.58 23.98
C PHE A 78 -13.12 -2.29 23.28
N SER A 79 -13.17 -3.61 23.30
CA SER A 79 -11.97 -4.34 22.93
C SER A 79 -12.35 -5.38 21.87
N LEU A 80 -11.31 -5.81 21.15
CA LEU A 80 -11.36 -6.91 20.19
C LEU A 80 -10.35 -7.95 20.64
N LYS A 81 -10.77 -9.21 20.65
CA LYS A 81 -9.87 -10.36 20.69
C LYS A 81 -10.12 -11.16 19.43
N LEU A 82 -9.05 -11.52 18.72
CA LEU A 82 -9.13 -12.35 17.53
C LEU A 82 -8.15 -13.50 17.73
N ARG A 83 -8.70 -14.69 17.96
CA ARG A 83 -7.92 -15.86 18.31
C ARG A 83 -7.22 -16.49 17.11
N SER A 84 -6.13 -17.21 17.40
CA SER A 84 -5.52 -18.16 16.43
C SER A 84 -5.15 -17.47 15.11
N VAL A 85 -4.42 -16.36 15.22
CA VAL A 85 -4.16 -15.58 13.99
C VAL A 85 -3.20 -16.29 13.03
N THR A 86 -3.34 -15.95 11.75
CA THR A 86 -2.38 -16.33 10.71
C THR A 86 -1.99 -15.10 9.92
N VAL A 87 -1.09 -15.25 8.94
CA VAL A 87 -0.82 -14.09 8.06
C VAL A 87 -2.04 -13.52 7.37
N ALA A 88 -3.09 -14.31 7.17
CA ALA A 88 -4.29 -13.73 6.59
C ALA A 88 -4.89 -12.62 7.46
N ASP A 89 -4.46 -12.53 8.74
CA ASP A 89 -5.00 -11.52 9.66
C ASP A 89 -4.16 -10.25 9.72
N THR A 90 -3.03 -10.19 9.01
CA THR A 90 -2.33 -8.92 8.90
C THR A 90 -3.24 -7.91 8.22
N ALA A 91 -3.43 -6.76 8.87
CA ALA A 91 -4.39 -5.80 8.33
C ALA A 91 -4.26 -4.52 9.13
N ILE A 92 -4.79 -3.42 8.55
CA ILE A 92 -5.09 -2.25 9.37
C ILE A 92 -6.45 -2.46 10.04
N TYR A 93 -6.47 -2.37 11.36
CA TYR A 93 -7.67 -2.54 12.18
C TYR A 93 -8.19 -1.17 12.58
N TYR A 94 -9.49 -0.98 12.38
CA TYR A 94 -10.20 0.25 12.74
C TYR A 94 -11.33 -0.05 13.71
N CYS A 95 -11.52 0.85 14.66
CA CYS A 95 -12.79 0.86 15.38
C CYS A 95 -13.63 1.97 14.79
N ALA A 96 -14.95 1.79 14.88
CA ALA A 96 -15.85 2.74 14.23
C ALA A 96 -17.20 2.66 14.90
N ARG A 97 -17.93 3.76 14.87
CA ARG A 97 -19.31 3.82 15.38
C ARG A 97 -20.29 3.77 14.22
N TRP A 98 -21.26 2.84 14.31
CA TRP A 98 -22.36 2.78 13.36
C TRP A 98 -23.51 3.64 13.86
N ASN A 99 -23.88 4.63 13.05
CA ASN A 99 -24.88 5.62 13.48
C ASN A 99 -26.28 5.01 13.33
N LEU A 100 -27.06 5.08 14.40
CA LEU A 100 -28.39 4.45 14.46
C LEU A 100 -29.56 5.39 14.25
N TYR A 101 -29.36 6.70 14.31
CA TYR A 101 -30.47 7.65 14.52
C TYR A 101 -30.70 8.49 13.27
N ASP A 102 -31.96 8.56 12.82
CA ASP A 102 -32.31 9.22 11.56
C ASP A 102 -32.27 10.73 11.64
N ASP A 103 -31.98 11.31 12.80
CA ASP A 103 -31.89 12.75 12.95
C ASP A 103 -30.48 13.29 12.85
N ASP A 104 -29.49 12.44 12.49
CA ASP A 104 -28.10 12.86 12.46
C ASP A 104 -27.52 12.51 11.09
N PHE A 105 -26.45 13.23 10.70
CA PHE A 105 -25.63 12.79 9.56
C PHE A 105 -25.18 11.35 9.75
N GLY A 106 -24.94 10.65 8.63
CA GLY A 106 -24.31 9.35 8.71
C GLY A 106 -25.25 8.23 9.12
N TYR A 107 -26.56 8.43 9.01
CA TYR A 107 -27.50 7.40 9.42
C TYR A 107 -27.21 6.12 8.67
N ASN A 108 -27.07 5.02 9.42
CA ASN A 108 -26.81 3.69 8.87
C ASN A 108 -25.48 3.62 8.12
N SER A 109 -24.45 4.20 8.73
CA SER A 109 -23.10 4.17 8.18
C SER A 109 -22.07 4.29 9.30
N PHE A 110 -20.82 4.02 8.93
CA PHE A 110 -19.70 4.29 9.85
C PHE A 110 -19.36 5.76 9.72
N ALA A 111 -19.97 6.56 10.61
CA ALA A 111 -19.76 7.98 10.52
C ALA A 111 -18.50 8.43 11.25
N VAL A 112 -18.10 7.73 12.31
CA VAL A 112 -16.93 8.10 13.11
C VAL A 112 -15.98 6.92 13.10
N TRP A 113 -14.73 7.13 12.67
CA TRP A 113 -13.71 6.08 12.59
C TRP A 113 -12.51 6.48 13.45
N GLY A 114 -11.84 5.48 14.02
CA GLY A 114 -10.46 5.66 14.45
C GLY A 114 -9.52 5.80 13.26
N ARG A 115 -8.28 6.21 13.58
CA ARG A 115 -7.30 6.39 12.50
C ARG A 115 -6.78 5.07 11.96
N GLY A 116 -6.94 3.98 12.71
CA GLY A 116 -6.50 2.67 12.31
C GLY A 116 -5.16 2.33 12.94
N VAL A 117 -4.97 1.03 13.19
CA VAL A 117 -3.66 0.55 13.64
C VAL A 117 -3.25 -0.66 12.80
N LEU A 118 -2.01 -0.69 12.34
CA LEU A 118 -1.54 -1.84 11.56
C LEU A 118 -1.13 -2.94 12.52
N VAL A 119 -1.67 -4.14 12.34
CA VAL A 119 -1.23 -5.31 13.11
C VAL A 119 -0.71 -6.31 12.08
N THR A 120 0.54 -6.74 12.28
CA THR A 120 1.19 -7.68 11.41
C THR A 120 1.36 -8.99 12.15
N VAL A 121 1.03 -10.08 11.49
CA VAL A 121 1.21 -11.40 12.09
C VAL A 121 2.51 -11.97 11.54
N SER A 122 3.50 -12.18 12.42
CA SER A 122 4.84 -12.55 12.01
C SER A 122 5.56 -13.15 13.20
N SER A 123 6.46 -14.08 12.91
CA SER A 123 7.36 -14.66 13.88
C SER A 123 8.69 -13.92 13.95
N ALA A 124 8.88 -12.87 13.15
CA ALA A 124 10.21 -12.25 13.03
C ALA A 124 10.54 -11.38 14.24
N SER A 125 11.85 -11.14 14.38
CA SER A 125 12.43 -10.30 15.42
C SER A 125 13.03 -9.01 14.83
N THR A 126 13.07 -7.97 15.65
CA THR A 126 13.61 -6.66 15.21
C THR A 126 15.05 -6.79 14.74
N LYS A 127 15.34 -6.24 13.56
CA LYS A 127 16.69 -6.30 12.98
C LYS A 127 16.87 -5.08 12.10
N GLY A 128 18.04 -4.41 12.21
CA GLY A 128 18.27 -3.26 11.34
C GLY A 128 18.81 -3.75 10.00
N PRO A 129 18.72 -2.89 8.98
CA PRO A 129 19.12 -3.28 7.61
C PRO A 129 20.61 -3.20 7.38
N SER A 130 21.03 -3.94 6.35
CA SER A 130 22.27 -3.67 5.64
C SER A 130 21.97 -2.82 4.41
N VAL A 131 22.87 -1.93 4.06
CA VAL A 131 22.64 -1.01 2.94
C VAL A 131 23.75 -1.23 1.92
N PHE A 132 23.34 -1.54 0.68
CA PHE A 132 24.28 -1.77 -0.41
C PHE A 132 24.09 -0.75 -1.51
N PRO A 133 25.16 -0.38 -2.21
CA PRO A 133 25.01 0.60 -3.30
C PRO A 133 24.54 -0.08 -4.58
N LEU A 134 23.71 0.65 -5.33
CA LEU A 134 23.25 0.24 -6.67
C LEU A 134 23.90 1.16 -7.69
N ALA A 135 24.79 0.58 -8.56
CA ALA A 135 25.39 1.28 -9.70
C ALA A 135 25.39 0.37 -10.93
N PRO A 136 24.76 0.78 -12.03
CA PRO A 136 24.81 -0.03 -13.25
C PRO A 136 26.15 0.14 -13.96
N SER A 137 26.40 -0.76 -14.91
CA SER A 137 27.51 -0.57 -15.85
C SER A 137 27.51 0.85 -16.42
N SER A 138 28.70 1.41 -16.62
CA SER A 138 28.81 2.75 -17.22
C SER A 138 28.20 2.86 -18.66
N GLY A 143 22.91 8.11 -22.71
CA GLY A 143 21.65 8.75 -23.06
C GLY A 143 21.34 10.09 -22.39
N GLY A 144 22.22 10.50 -21.47
CA GLY A 144 22.10 11.75 -20.76
C GLY A 144 21.64 11.62 -19.32
N THR A 145 21.04 10.48 -18.95
CA THR A 145 20.51 10.29 -17.61
C THR A 145 21.15 9.06 -17.00
N ALA A 146 21.61 9.19 -15.75
CA ALA A 146 22.18 8.10 -14.98
C ALA A 146 21.21 7.69 -13.89
N ALA A 147 21.28 6.43 -13.50
CA ALA A 147 20.53 5.95 -12.34
C ALA A 147 21.48 5.42 -11.27
N LEU A 148 21.20 5.76 -10.00
CA LEU A 148 21.97 5.25 -8.86
C LEU A 148 20.95 4.89 -7.79
N GLY A 149 21.37 4.08 -6.82
CA GLY A 149 20.41 3.73 -5.79
C GLY A 149 21.07 3.11 -4.58
N CYS A 150 20.19 2.68 -3.63
CA CYS A 150 20.58 1.92 -2.46
C CYS A 150 19.58 0.80 -2.28
N LEU A 151 20.11 -0.36 -1.94
CA LEU A 151 19.32 -1.54 -1.59
C LEU A 151 19.43 -1.65 -0.08
N VAL A 152 18.28 -1.62 0.58
CA VAL A 152 18.16 -1.63 2.03
C VAL A 152 17.58 -3.00 2.39
N LYS A 153 18.43 -3.92 2.84
CA LYS A 153 18.12 -5.34 2.87
C LYS A 153 18.05 -5.90 4.29
N ASP A 154 17.14 -6.84 4.50
CA ASP A 154 17.09 -7.61 5.72
C ASP A 154 16.77 -6.91 7.01
N TYR A 155 15.62 -6.26 7.03
CA TYR A 155 15.24 -5.56 8.27
C TYR A 155 13.83 -5.93 8.67
N PHE A 156 13.52 -5.67 9.94
CA PHE A 156 12.17 -5.91 10.49
C PHE A 156 12.03 -5.10 11.76
N PRO A 157 10.85 -4.58 12.06
CA PRO A 157 9.64 -4.49 11.24
C PRO A 157 9.77 -3.34 10.28
N GLU A 158 8.74 -3.09 9.51
CA GLU A 158 8.67 -1.87 8.75
C GLU A 158 8.46 -0.71 9.70
N PRO A 159 8.77 0.52 9.30
CA PRO A 159 9.28 0.93 8.00
C PRO A 159 10.73 1.38 8.06
N VAL A 160 11.23 1.64 6.85
CA VAL A 160 12.51 2.26 6.68
C VAL A 160 12.20 3.51 5.82
N THR A 161 12.81 4.64 6.12
CA THR A 161 12.74 5.80 5.24
C THR A 161 14.12 6.05 4.64
N VAL A 162 14.12 6.64 3.44
CA VAL A 162 15.33 6.96 2.71
C VAL A 162 15.21 8.40 2.22
N SER A 163 16.23 9.18 2.48
CA SER A 163 16.43 10.45 1.80
C SER A 163 17.75 10.39 1.05
N TRP A 164 17.99 11.41 0.21
CA TRP A 164 19.24 11.53 -0.52
C TRP A 164 19.87 12.87 -0.23
N ASN A 165 21.18 12.82 -0.06
CA ASN A 165 21.98 14.02 0.23
C ASN A 165 21.36 14.85 1.34
N SER A 166 20.92 14.16 2.41
CA SER A 166 20.35 14.78 3.60
C SER A 166 19.11 15.60 3.29
N GLY A 167 18.37 15.23 2.25
CA GLY A 167 17.17 15.91 1.89
C GLY A 167 17.35 16.97 0.84
N ALA A 168 18.59 17.24 0.43
CA ALA A 168 18.83 18.24 -0.61
C ALA A 168 18.52 17.72 -1.99
N LEU A 169 18.49 16.39 -2.17
CA LEU A 169 18.19 15.79 -3.48
C LEU A 169 16.82 15.14 -3.35
N THR A 170 15.81 15.71 -4.01
CA THR A 170 14.47 15.15 -4.02
C THR A 170 13.95 14.87 -5.43
N SER A 171 14.36 15.66 -6.42
CA SER A 171 13.92 15.42 -7.79
C SER A 171 14.48 14.10 -8.28
N GLY A 172 13.63 13.31 -8.92
CA GLY A 172 14.05 12.06 -9.51
C GLY A 172 14.17 10.90 -8.54
N VAL A 173 13.90 11.10 -7.28
CA VAL A 173 13.98 10.01 -6.30
C VAL A 173 12.73 9.14 -6.36
N HIS A 174 12.95 7.83 -6.36
CA HIS A 174 11.85 6.90 -6.13
C HIS A 174 12.26 5.91 -5.05
N THR A 175 11.53 5.91 -3.94
CA THR A 175 11.74 4.92 -2.90
C THR A 175 10.53 3.99 -2.91
N PHE A 176 10.81 2.71 -3.16
CA PHE A 176 9.79 1.72 -3.48
C PHE A 176 9.15 1.12 -2.22
N PRO A 177 7.95 0.56 -2.33
CA PRO A 177 7.43 -0.24 -1.21
C PRO A 177 8.36 -1.41 -0.96
N ALA A 178 8.51 -1.77 0.30
CA ALA A 178 9.30 -2.94 0.63
C ALA A 178 8.61 -4.22 0.19
N VAL A 179 9.40 -5.27 0.05
CA VAL A 179 8.90 -6.61 -0.16
C VAL A 179 9.31 -7.48 1.01
N LEU A 180 8.46 -8.46 1.33
CA LEU A 180 8.71 -9.38 2.42
C LEU A 180 9.37 -10.63 1.86
N GLN A 181 10.57 -10.92 2.32
CA GLN A 181 11.28 -12.16 1.91
C GLN A 181 10.83 -13.36 2.73
N SER A 182 11.10 -14.58 2.21
CA SER A 182 10.69 -15.77 2.96
C SER A 182 11.39 -15.91 4.31
N SER A 183 12.53 -15.22 4.51
CA SER A 183 13.20 -15.18 5.80
C SER A 183 12.39 -14.44 6.84
N GLY A 184 11.33 -13.75 6.44
CA GLY A 184 10.56 -12.92 7.34
C GLY A 184 11.06 -11.50 7.43
N LEU A 185 12.13 -11.16 6.69
CA LEU A 185 12.70 -9.83 6.71
C LEU A 185 12.37 -9.07 5.43
N TYR A 186 12.30 -7.75 5.54
CA TYR A 186 11.94 -6.89 4.41
C TYR A 186 13.19 -6.47 3.65
N SER A 187 12.97 -6.07 2.38
CA SER A 187 13.98 -5.48 1.53
C SER A 187 13.33 -4.37 0.73
N LEU A 188 14.07 -3.29 0.54
CA LEU A 188 13.56 -2.14 -0.15
C LEU A 188 14.64 -1.48 -1.00
N SER A 189 14.23 -0.89 -2.13
CA SER A 189 15.17 -0.12 -2.90
C SER A 189 14.74 1.33 -3.00
N SER A 190 15.75 2.21 -3.07
CA SER A 190 15.55 3.62 -3.34
C SER A 190 16.48 3.99 -4.48
N VAL A 191 15.96 4.65 -5.50
CA VAL A 191 16.79 5.03 -6.64
C VAL A 191 16.61 6.51 -6.91
N VAL A 192 17.55 7.04 -7.70
CA VAL A 192 17.43 8.41 -8.15
C VAL A 192 18.02 8.44 -9.55
N THR A 193 17.37 9.18 -10.44
CA THR A 193 17.99 9.48 -11.73
C THR A 193 18.48 10.90 -11.73
N VAL A 194 19.64 11.12 -12.35
CA VAL A 194 20.32 12.42 -12.33
C VAL A 194 20.95 12.63 -13.69
N PRO A 195 21.23 13.89 -14.05
CA PRO A 195 21.96 14.11 -15.31
C PRO A 195 23.29 13.38 -15.27
N SER A 196 23.64 12.69 -16.37
CA SER A 196 24.89 11.95 -16.36
C SER A 196 26.07 12.88 -16.20
N SER A 197 25.93 14.11 -16.73
CA SER A 197 26.90 15.16 -16.47
C SER A 197 27.12 15.40 -14.97
N SER A 198 26.14 15.08 -14.13
CA SER A 198 26.33 15.35 -12.70
C SER A 198 27.14 14.27 -11.99
N LEU A 199 27.47 13.15 -12.67
CA LEU A 199 28.15 12.05 -12.00
C LEU A 199 29.57 12.41 -11.58
N GLY A 200 30.04 13.60 -11.94
CA GLY A 200 31.37 14.10 -11.56
C GLY A 200 31.28 15.51 -11.01
N THR A 201 30.08 16.08 -10.99
CA THR A 201 29.87 17.35 -10.34
C THR A 201 29.16 17.22 -8.97
N GLN A 202 28.88 15.98 -8.55
CA GLN A 202 28.14 15.71 -7.29
C GLN A 202 28.36 14.37 -6.60
N THR A 203 28.42 14.38 -5.28
CA THR A 203 28.46 13.14 -4.50
C THR A 203 27.02 12.74 -4.15
N TYR A 204 26.79 11.43 -4.11
CA TYR A 204 25.44 10.93 -3.85
C TYR A 204 25.47 9.99 -2.65
N ILE A 205 24.68 10.33 -1.63
CA ILE A 205 24.57 9.58 -0.38
C ILE A 205 23.10 9.31 -0.09
N CYS A 206 22.77 8.06 0.14
CA CYS A 206 21.44 7.76 0.62
C CYS A 206 21.44 7.67 2.15
N ASN A 207 20.46 8.28 2.76
CA ASN A 207 20.35 8.35 4.23
C ASN A 207 19.19 7.44 4.62
N VAL A 208 19.54 6.32 5.24
CA VAL A 208 18.59 5.28 5.59
C VAL A 208 18.30 5.35 7.09
N ASN A 209 17.02 5.30 7.44
CA ASN A 209 16.60 5.36 8.84
C ASN A 209 15.63 4.21 9.10
N HIS A 210 16.00 3.32 10.01
CA HIS A 210 15.12 2.26 10.50
C HIS A 210 14.86 2.54 11.99
N LYS A 211 13.80 3.31 12.26
CA LYS A 211 13.54 3.70 13.66
C LYS A 211 13.32 2.51 14.61
N PRO A 212 12.73 1.38 14.19
CA PRO A 212 12.51 0.31 15.17
C PRO A 212 13.79 -0.26 15.78
N SER A 213 14.93 -0.16 15.10
CA SER A 213 16.20 -0.61 15.64
C SER A 213 17.11 0.58 15.95
N ASN A 214 16.60 1.81 15.79
CA ASN A 214 17.37 3.05 15.84
C ASN A 214 18.64 2.97 15.01
N THR A 215 18.51 2.42 13.79
CA THR A 215 19.64 2.26 12.87
C THR A 215 19.56 3.36 11.82
N LYS A 216 20.61 4.18 11.71
CA LYS A 216 20.79 5.09 10.59
C LYS A 216 22.08 4.75 9.87
N VAL A 217 22.02 4.78 8.55
CA VAL A 217 23.19 4.53 7.72
C VAL A 217 23.21 5.59 6.63
N ASP A 218 24.36 6.24 6.46
CA ASP A 218 24.59 7.13 5.31
C ASP A 218 25.55 6.42 4.36
N LYS A 219 25.03 5.98 3.21
CA LYS A 219 25.79 5.18 2.23
C LYS A 219 26.11 6.01 0.99
N LYS A 220 27.42 6.19 0.76
CA LYS A 220 27.85 6.88 -0.46
C LYS A 220 27.80 5.88 -1.62
N VAL A 221 27.19 6.31 -2.72
CA VAL A 221 27.07 5.47 -3.92
C VAL A 221 27.90 6.12 -5.02
N GLU A 222 28.87 5.37 -5.54
CA GLU A 222 29.70 5.90 -6.63
C GLU A 222 29.40 5.19 -7.94
N PRO A 223 29.41 5.93 -9.04
CA PRO A 223 29.17 5.31 -10.34
C PRO A 223 30.34 4.46 -10.78
N LYS A 224 30.02 3.50 -11.63
CA LYS A 224 31.01 2.63 -12.26
C LYS A 224 31.71 3.40 -13.36
N SER A 225 32.94 2.98 -13.66
CA SER A 225 33.72 3.62 -14.71
C SER A 225 34.49 2.54 -15.47
N CYS A 226 34.63 2.77 -16.78
CA CYS A 226 35.50 1.93 -17.61
C CYS A 226 36.88 2.55 -17.81
N ASP A 227 37.18 3.64 -17.15
CA ASP A 227 38.52 4.24 -17.26
C ASP A 227 39.63 3.55 -16.44
N ASP B 1 -22.91 -13.37 2.56
CA ASP B 1 -23.20 -11.93 2.67
C ASP B 1 -23.58 -11.31 1.32
N ILE B 2 -23.90 -10.01 1.29
CA ILE B 2 -24.35 -9.37 0.05
C ILE B 2 -23.10 -8.91 -0.71
N GLN B 3 -22.85 -9.49 -1.87
CA GLN B 3 -21.67 -9.17 -2.66
C GLN B 3 -21.74 -7.79 -3.30
N MET B 4 -20.72 -6.98 -3.09
CA MET B 4 -20.65 -5.64 -3.66
C MET B 4 -19.51 -5.59 -4.66
N THR B 5 -19.77 -5.05 -5.86
CA THR B 5 -18.81 -4.99 -6.95
C THR B 5 -18.77 -3.55 -7.45
N GLN B 6 -17.60 -2.95 -7.49
CA GLN B 6 -17.47 -1.63 -8.07
C GLN B 6 -16.87 -1.72 -9.46
N SER B 7 -17.20 -0.71 -10.28
CA SER B 7 -16.62 -0.63 -11.61
C SER B 7 -16.23 0.82 -11.83
N PRO B 8 -15.01 1.08 -12.29
CA PRO B 8 -13.91 0.15 -12.56
C PRO B 8 -13.11 0.01 -11.26
N SER B 9 -12.11 -0.88 -11.22
CA SER B 9 -11.23 -0.93 -10.06
C SER B 9 -10.28 0.26 -10.03
N SER B 10 -9.93 0.81 -11.20
CA SER B 10 -9.15 2.04 -11.24
C SER B 10 -9.51 2.84 -12.48
N LEU B 11 -9.36 4.14 -12.37
CA LEU B 11 -9.64 4.98 -13.51
C LEU B 11 -8.70 6.16 -13.47
N SER B 12 -8.49 6.75 -14.64
CA SER B 12 -7.60 7.87 -14.75
C SER B 12 -8.42 9.07 -15.21
N ALA B 13 -8.12 10.22 -14.63
CA ALA B 13 -8.86 11.43 -14.94
C ALA B 13 -7.96 12.63 -14.75
N SER B 14 -8.43 13.78 -15.23
CA SER B 14 -7.68 15.02 -15.06
C SER B 14 -8.45 15.96 -14.13
N VAL B 15 -7.72 16.87 -13.49
CA VAL B 15 -8.33 17.93 -12.67
C VAL B 15 -9.40 18.65 -13.49
N GLY B 16 -10.58 18.84 -12.86
CA GLY B 16 -11.73 19.44 -13.51
C GLY B 16 -12.68 18.46 -14.18
N ASP B 17 -12.28 17.20 -14.37
CA ASP B 17 -13.15 16.24 -15.05
C ASP B 17 -14.29 15.83 -14.12
N THR B 18 -15.34 15.32 -14.73
CA THR B 18 -16.39 14.62 -14.01
C THR B 18 -16.11 13.14 -14.05
N VAL B 19 -16.06 12.50 -12.88
CA VAL B 19 -15.78 11.08 -12.77
C VAL B 19 -17.01 10.39 -12.20
N THR B 20 -17.37 9.23 -12.75
CA THR B 20 -18.49 8.42 -12.26
C THR B 20 -18.00 7.03 -11.87
N ILE B 21 -18.25 6.64 -10.62
CA ILE B 21 -17.88 5.32 -10.09
C ILE B 21 -19.16 4.51 -9.88
N THR B 22 -19.18 3.27 -10.37
CA THR B 22 -20.37 2.43 -10.28
C THR B 22 -20.24 1.44 -9.12
N CYS B 23 -21.35 1.16 -8.46
CA CYS B 23 -21.38 0.14 -7.41
C CYS B 23 -22.62 -0.71 -7.56
N GLN B 24 -22.44 -2.04 -7.60
CA GLN B 24 -23.54 -2.96 -7.76
C GLN B 24 -23.60 -3.92 -6.56
N ALA B 25 -24.80 -4.14 -6.10
CA ALA B 25 -25.11 -5.07 -5.00
C ALA B 25 -25.75 -6.30 -5.62
N ARG B 26 -25.34 -7.49 -5.18
CA ARG B 26 -25.91 -8.73 -5.72
C ARG B 26 -27.36 -8.93 -5.28
N HIS B 27 -27.77 -8.32 -4.18
CA HIS B 27 -29.15 -8.32 -3.71
C HIS B 27 -29.52 -6.88 -3.38
N ALA B 28 -30.80 -6.56 -3.51
CA ALA B 28 -31.25 -5.19 -3.39
C ALA B 28 -31.14 -4.69 -1.96
N VAL B 29 -30.74 -3.41 -1.80
CA VAL B 29 -30.52 -2.83 -0.49
C VAL B 29 -31.22 -1.48 -0.29
N GLY B 30 -32.20 -1.19 -1.13
CA GLY B 30 -32.92 0.05 -0.98
C GLY B 30 -32.00 1.24 -1.27
N LYS B 31 -32.10 2.22 -0.39
CA LYS B 31 -31.17 3.35 -0.39
C LYS B 31 -30.09 3.21 0.69
N ASN B 32 -29.92 2.02 1.27
CA ASN B 32 -28.96 1.83 2.35
C ASN B 32 -27.58 1.57 1.77
N LEU B 33 -26.98 2.66 1.28
CA LEU B 33 -25.70 2.56 0.60
C LEU B 33 -24.81 3.76 0.95
N ASN B 34 -23.61 3.45 1.39
CA ASN B 34 -22.64 4.47 1.80
C ASN B 34 -21.46 4.50 0.86
N TRP B 35 -20.82 5.65 0.81
CA TRP B 35 -19.55 5.81 0.11
C TRP B 35 -18.54 6.40 1.08
N TYR B 36 -17.31 5.89 1.02
CA TYR B 36 -16.18 6.35 1.81
C TYR B 36 -15.03 6.73 0.90
N GLN B 37 -14.19 7.65 1.40
CA GLN B 37 -12.91 7.99 0.77
C GLN B 37 -11.72 7.57 1.64
N GLN B 38 -10.66 7.08 1.00
CA GLN B 38 -9.41 6.72 1.66
C GLN B 38 -8.22 7.22 0.86
N LYS B 39 -7.11 7.51 1.53
CA LYS B 39 -5.84 7.81 0.85
C LYS B 39 -4.72 6.96 1.41
N PRO B 40 -3.57 6.88 0.71
CA PRO B 40 -2.43 6.20 1.33
C PRO B 40 -2.14 6.82 2.68
N GLY B 41 -2.03 5.96 3.69
CA GLY B 41 -1.77 6.42 5.03
C GLY B 41 -2.92 7.15 5.68
N ARG B 42 -4.10 7.13 5.05
CA ARG B 42 -5.25 7.70 5.70
C ARG B 42 -6.43 6.76 5.65
N GLY B 43 -7.04 6.52 6.79
CA GLY B 43 -8.16 5.62 6.83
C GLY B 43 -9.44 6.19 6.25
N PRO B 44 -10.46 5.36 6.16
CA PRO B 44 -11.72 5.78 5.55
C PRO B 44 -12.40 6.94 6.28
N GLN B 45 -13.04 7.80 5.49
CA GLN B 45 -13.97 8.81 6.01
C GLN B 45 -15.24 8.81 5.19
N LEU B 46 -16.38 9.05 5.85
CA LEU B 46 -17.67 8.98 5.20
C LEU B 46 -17.87 10.15 4.25
N LEU B 47 -18.31 9.84 3.00
CA LEU B 47 -18.69 10.87 2.04
C LEU B 47 -20.20 10.97 1.89
N ILE B 48 -20.85 9.84 1.66
CA ILE B 48 -22.27 9.77 1.34
C ILE B 48 -22.91 8.71 2.20
N TYR B 49 -24.10 9.01 2.73
CA TYR B 49 -24.91 8.00 3.39
C TYR B 49 -26.32 7.99 2.80
N MET B 50 -27.04 6.90 3.00
CA MET B 50 -28.38 6.75 2.42
C MET B 50 -28.41 7.06 0.94
N ALA B 51 -27.42 6.57 0.23
CA ALA B 51 -27.31 6.70 -1.22
C ALA B 51 -27.01 8.08 -1.82
N SER B 52 -27.64 9.09 -1.27
CA SER B 52 -27.50 10.41 -1.83
C SER B 52 -27.25 11.57 -0.85
N SER B 53 -27.16 11.27 0.44
CA SER B 53 -26.99 12.34 1.40
C SER B 53 -25.51 12.60 1.66
N ARG B 54 -25.08 13.85 1.53
CA ARG B 54 -23.70 14.17 1.82
C ARG B 54 -23.45 14.27 3.32
N HIS B 55 -22.36 13.65 3.77
CA HIS B 55 -21.93 13.81 5.13
C HIS B 55 -21.52 15.26 5.40
N SER B 56 -21.60 15.65 6.66
CA SER B 56 -21.20 17.02 7.04
C SER B 56 -19.80 17.36 6.56
N GLY B 57 -19.66 18.52 5.93
CA GLY B 57 -18.37 18.98 5.48
C GLY B 57 -17.95 18.50 4.12
N VAL B 58 -18.71 17.61 3.50
CA VAL B 58 -18.31 17.07 2.20
C VAL B 58 -18.67 18.08 1.11
N PRO B 59 -17.74 18.40 0.18
CA PRO B 59 -18.04 19.37 -0.88
C PRO B 59 -19.22 18.92 -1.73
N SER B 60 -20.01 19.88 -2.23
CA SER B 60 -21.14 19.57 -3.09
C SER B 60 -20.76 18.98 -4.45
N ARG B 61 -19.48 18.99 -4.83
CA ARG B 61 -19.07 18.31 -6.06
C ARG B 61 -19.26 16.79 -6.02
N PHE B 62 -19.39 16.22 -4.82
CA PHE B 62 -19.65 14.78 -4.63
C PHE B 62 -21.15 14.53 -4.64
N ARG B 63 -21.61 13.62 -5.49
CA ARG B 63 -23.02 13.34 -5.68
C ARG B 63 -23.20 11.84 -5.65
N GLY B 64 -24.06 11.36 -4.76
CA GLY B 64 -24.45 9.93 -4.77
C GLY B 64 -25.84 9.77 -5.37
N SER B 65 -26.01 8.69 -6.14
CA SER B 65 -27.35 8.38 -6.65
C SER B 65 -27.55 6.87 -6.74
N GLY B 66 -28.79 6.49 -6.99
CA GLY B 66 -29.15 5.11 -7.26
C GLY B 66 -30.00 4.51 -6.14
N SER B 67 -30.35 3.25 -6.38
CA SER B 67 -31.14 2.49 -5.42
C SER B 67 -31.22 1.03 -5.87
N GLY B 68 -31.68 0.21 -4.93
CA GLY B 68 -31.82 -1.21 -5.19
C GLY B 68 -30.50 -1.93 -5.32
N ARG B 69 -30.09 -2.20 -6.55
CA ARG B 69 -28.84 -2.89 -6.82
C ARG B 69 -27.85 -2.05 -7.58
N GLU B 70 -28.18 -0.80 -7.96
CA GLU B 70 -27.31 -0.04 -8.88
C GLU B 70 -27.13 1.36 -8.32
N PHE B 71 -25.86 1.74 -8.10
CA PHE B 71 -25.55 3.02 -7.48
C PHE B 71 -24.37 3.67 -8.19
N THR B 72 -24.32 4.99 -8.04
CA THR B 72 -23.22 5.74 -8.58
C THR B 72 -22.71 6.87 -7.67
N LEU B 73 -21.39 7.04 -7.64
CA LEU B 73 -20.79 8.23 -7.03
C LEU B 73 -20.26 9.07 -8.18
N THR B 74 -20.72 10.32 -8.26
CA THR B 74 -20.23 11.26 -9.25
C THR B 74 -19.36 12.28 -8.50
N ILE B 75 -18.15 12.51 -9.00
CA ILE B 75 -17.30 13.59 -8.52
C ILE B 75 -17.18 14.59 -9.66
N ASN B 76 -17.83 15.75 -9.52
CA ASN B 76 -17.70 16.81 -10.51
C ASN B 76 -16.46 17.64 -10.19
N ASN B 77 -15.90 18.29 -11.23
CA ASN B 77 -14.79 19.24 -11.03
C ASN B 77 -13.67 18.63 -10.17
N LEU B 78 -13.20 17.45 -10.59
CA LEU B 78 -12.26 16.68 -9.80
C LEU B 78 -11.06 17.55 -9.38
N GLN B 79 -10.77 17.55 -8.08
CA GLN B 79 -9.68 18.35 -7.51
C GLN B 79 -8.46 17.51 -7.15
N PRO B 80 -7.27 18.13 -7.01
CA PRO B 80 -6.08 17.34 -6.66
C PRO B 80 -6.26 16.49 -5.40
N GLU B 81 -6.95 16.98 -4.38
CA GLU B 81 -7.15 16.21 -3.17
C GLU B 81 -8.12 15.04 -3.39
N ASP B 82 -8.73 14.93 -4.57
CA ASP B 82 -9.72 13.87 -4.80
C ASP B 82 -9.10 12.62 -5.38
N PHE B 83 -7.83 12.66 -5.83
CA PHE B 83 -7.15 11.44 -6.25
C PHE B 83 -6.97 10.59 -5.01
N ALA B 84 -7.65 9.44 -4.98
CA ALA B 84 -7.92 8.70 -3.74
C ALA B 84 -8.65 7.42 -4.09
N THR B 85 -8.95 6.59 -3.11
CA THR B 85 -9.73 5.38 -3.33
C THR B 85 -11.12 5.55 -2.71
N TYR B 86 -12.14 5.17 -3.48
CA TYR B 86 -13.53 5.33 -3.05
C TYR B 86 -14.15 3.96 -2.91
N SER B 87 -14.81 3.72 -1.79
CA SER B 87 -15.45 2.44 -1.56
C SER B 87 -16.92 2.62 -1.28
N CYS B 88 -17.76 1.79 -1.88
CA CYS B 88 -19.16 1.73 -1.49
C CYS B 88 -19.38 0.65 -0.43
N GLN B 89 -20.53 0.71 0.21
CA GLN B 89 -20.85 -0.26 1.28
C GLN B 89 -22.35 -0.35 1.46
N GLN B 90 -22.90 -1.55 1.51
CA GLN B 90 -24.32 -1.64 1.82
C GLN B 90 -24.53 -1.63 3.32
N GLY B 91 -25.53 -0.88 3.76
CA GLY B 91 -25.84 -0.79 5.17
C GLY B 91 -27.18 -1.41 5.50
N TYR B 92 -27.58 -2.41 4.72
CA TYR B 92 -28.91 -3.04 4.84
C TYR B 92 -28.91 -4.21 5.81
N THR B 93 -27.91 -5.09 5.73
CA THR B 93 -27.86 -6.28 6.56
C THR B 93 -26.41 -6.52 6.95
N TYR B 94 -26.18 -6.84 8.21
CA TYR B 94 -24.83 -7.15 8.68
C TYR B 94 -24.42 -8.53 8.18
N PRO B 95 -23.15 -8.73 7.78
CA PRO B 95 -22.07 -7.73 7.72
C PRO B 95 -22.31 -6.72 6.61
N TRP B 96 -22.05 -5.46 6.94
CA TRP B 96 -22.30 -4.36 6.01
C TRP B 96 -21.13 -4.34 5.01
N THR B 97 -21.29 -5.12 3.97
CA THR B 97 -20.19 -5.44 3.05
C THR B 97 -19.77 -4.23 2.22
N PHE B 98 -18.46 -4.13 1.98
CA PHE B 98 -17.85 -3.10 1.16
C PHE B 98 -17.56 -3.64 -0.23
N GLY B 99 -17.64 -2.76 -1.20
CA GLY B 99 -17.02 -3.00 -2.49
C GLY B 99 -15.51 -3.00 -2.41
N GLN B 100 -14.84 -3.36 -3.53
CA GLN B 100 -13.40 -3.58 -3.50
C GLN B 100 -12.62 -2.29 -3.55
N GLY B 101 -13.29 -1.16 -3.79
CA GLY B 101 -12.66 0.14 -3.92
C GLY B 101 -12.35 0.47 -5.38
N THR B 102 -12.41 1.75 -5.69
CA THR B 102 -12.02 2.26 -7.00
C THR B 102 -10.98 3.33 -6.78
N LYS B 103 -9.80 3.15 -7.36
CA LYS B 103 -8.73 4.13 -7.21
C LYS B 103 -8.84 5.15 -8.35
N VAL B 104 -9.00 6.42 -8.00
CA VAL B 104 -9.00 7.51 -8.97
C VAL B 104 -7.57 8.05 -9.07
N GLU B 105 -6.97 7.88 -10.26
CA GLU B 105 -5.59 8.22 -10.57
C GLU B 105 -5.56 9.33 -11.61
N MET B 106 -4.39 9.89 -11.83
CA MET B 106 -4.21 10.95 -12.79
C MET B 106 -3.99 10.41 -14.18
N LYS B 107 -4.57 11.10 -15.12
CA LYS B 107 -4.38 10.71 -16.49
C LYS B 107 -3.01 11.14 -16.91
N GLY B 108 -2.41 10.34 -17.77
CA GLY B 108 -1.14 10.71 -18.30
C GLY B 108 -1.01 10.23 -19.73
N ALA B 109 0.07 10.66 -20.34
CA ALA B 109 0.39 10.17 -21.67
C ALA B 109 1.16 8.87 -21.61
N VAL B 110 0.95 8.00 -22.58
CA VAL B 110 1.69 6.77 -22.68
C VAL B 110 3.17 7.06 -22.75
N ALA B 111 3.91 6.39 -21.87
CA ALA B 111 5.35 6.57 -21.84
C ALA B 111 6.00 5.22 -21.55
N ALA B 112 6.95 4.84 -22.40
CA ALA B 112 7.67 3.60 -22.17
C ALA B 112 8.65 3.77 -21.00
N PRO B 113 8.94 2.70 -20.28
CA PRO B 113 9.92 2.81 -19.19
C PRO B 113 11.32 3.04 -19.73
N SER B 114 12.11 3.80 -18.96
CA SER B 114 13.57 3.77 -19.06
C SER B 114 14.08 2.67 -18.13
N VAL B 115 14.85 1.75 -18.65
CA VAL B 115 15.19 0.52 -17.94
C VAL B 115 16.67 0.55 -17.61
N PHE B 116 17.00 0.20 -16.37
CA PHE B 116 18.37 0.13 -15.85
C PHE B 116 18.52 -1.18 -15.08
N ILE B 117 19.66 -1.83 -15.25
CA ILE B 117 19.95 -3.07 -14.54
C ILE B 117 21.18 -2.85 -13.66
N PHE B 118 21.10 -3.29 -12.41
CA PHE B 118 22.19 -3.10 -11.44
C PHE B 118 22.72 -4.47 -10.98
N PRO B 119 24.01 -4.76 -11.17
CA PRO B 119 24.61 -5.98 -10.61
C PRO B 119 24.65 -5.93 -9.10
N PRO B 120 24.78 -7.08 -8.46
CA PRO B 120 25.15 -7.08 -7.03
C PRO B 120 26.42 -6.28 -6.80
N SER B 121 26.44 -5.58 -5.69
CA SER B 121 27.64 -4.90 -5.25
C SER B 121 28.68 -5.88 -4.72
N ASP B 122 29.96 -5.48 -4.87
CA ASP B 122 31.03 -6.23 -4.22
C ASP B 122 30.80 -6.32 -2.72
N GLU B 123 30.28 -5.22 -2.12
CA GLU B 123 29.98 -5.18 -0.69
C GLU B 123 29.02 -6.30 -0.32
N GLN B 124 27.93 -6.47 -1.07
CA GLN B 124 26.96 -7.54 -0.77
C GLN B 124 27.50 -8.94 -0.95
N LEU B 125 28.27 -9.12 -2.01
CA LEU B 125 28.84 -10.42 -2.29
C LEU B 125 29.81 -10.89 -1.21
N LYS B 126 30.33 -9.98 -0.42
CA LYS B 126 31.20 -10.46 0.63
C LYS B 126 30.42 -11.41 1.46
N SER B 127 29.13 -11.16 1.65
CA SER B 127 28.30 -12.13 2.30
C SER B 127 27.77 -13.19 1.27
N GLY B 128 26.95 -14.11 1.67
CA GLY B 128 26.55 -15.19 0.77
C GLY B 128 25.44 -15.02 -0.20
N THR B 129 25.02 -13.78 -0.38
CA THR B 129 23.86 -13.48 -1.21
C THR B 129 24.15 -12.38 -2.23
N ALA B 130 23.41 -12.45 -3.31
CA ALA B 130 23.54 -11.55 -4.41
C ALA B 130 22.13 -11.12 -4.75
N SER B 131 21.92 -9.84 -4.93
CA SER B 131 20.68 -9.30 -5.42
C SER B 131 20.96 -8.52 -6.70
N VAL B 132 20.22 -8.86 -7.76
CA VAL B 132 20.30 -8.15 -9.04
C VAL B 132 19.02 -7.32 -9.14
N VAL B 133 19.13 -6.05 -9.50
CA VAL B 133 17.96 -5.18 -9.48
C VAL B 133 17.70 -4.63 -10.87
N CYS B 134 16.43 -4.64 -11.29
CA CYS B 134 16.02 -4.02 -12.54
C CYS B 134 15.02 -2.93 -12.28
N LEU B 135 15.29 -1.72 -12.78
CA LEU B 135 14.46 -0.54 -12.56
C LEU B 135 13.76 -0.20 -13.87
N LEU B 136 12.44 -0.06 -13.82
CA LEU B 136 11.62 0.43 -14.93
C LEU B 136 11.17 1.81 -14.49
N ASN B 137 11.65 2.86 -15.12
CA ASN B 137 11.52 4.19 -14.58
C ASN B 137 10.55 5.03 -15.40
N ASN B 138 9.61 5.67 -14.70
CA ASN B 138 8.79 6.76 -15.22
C ASN B 138 7.98 6.33 -16.45
N PHE B 139 7.10 5.34 -16.26
CA PHE B 139 6.32 4.81 -17.35
C PHE B 139 4.84 5.02 -17.10
N TYR B 140 4.01 4.88 -18.17
CA TYR B 140 2.56 5.05 -18.04
C TYR B 140 1.94 4.32 -19.23
N PRO B 141 0.89 3.50 -19.06
CA PRO B 141 0.20 3.23 -17.78
C PRO B 141 0.92 2.25 -16.88
N ARG B 142 0.27 1.79 -15.81
CA ARG B 142 0.93 1.08 -14.74
C ARG B 142 1.31 -0.36 -15.13
N GLU B 143 0.61 -0.98 -16.06
CA GLU B 143 0.85 -2.40 -16.34
C GLU B 143 2.21 -2.59 -17.01
N ALA B 144 3.01 -3.51 -16.46
CA ALA B 144 4.34 -3.78 -17.02
C ALA B 144 4.76 -5.16 -16.58
N LYS B 145 5.62 -5.79 -17.35
CA LYS B 145 6.07 -7.13 -17.00
C LYS B 145 7.60 -7.22 -17.11
N VAL B 146 8.19 -7.88 -16.14
CA VAL B 146 9.63 -8.16 -16.09
C VAL B 146 9.86 -9.65 -16.17
N GLN B 147 10.77 -10.07 -17.04
CA GLN B 147 11.27 -11.44 -17.08
C GLN B 147 12.76 -11.45 -16.83
N TRP B 148 13.20 -12.30 -15.92
CA TRP B 148 14.61 -12.43 -15.58
C TRP B 148 15.19 -13.69 -16.17
N LYS B 149 16.43 -13.58 -16.72
CA LYS B 149 17.18 -14.74 -17.17
C LYS B 149 18.61 -14.67 -16.68
N VAL B 150 19.17 -15.82 -16.34
CA VAL B 150 20.56 -15.99 -15.98
C VAL B 150 21.14 -17.06 -16.89
N ASP B 151 22.15 -16.71 -17.69
CA ASP B 151 22.70 -17.61 -18.72
C ASP B 151 21.58 -18.33 -19.49
N ASN B 152 20.58 -17.56 -19.88
CA ASN B 152 19.44 -17.99 -20.67
C ASN B 152 18.44 -18.85 -19.91
N ALA B 153 18.63 -19.06 -18.61
CA ALA B 153 17.65 -19.80 -17.79
C ALA B 153 16.62 -18.86 -17.24
N LEU B 154 15.36 -19.13 -17.56
CA LEU B 154 14.27 -18.32 -17.00
C LEU B 154 14.24 -18.47 -15.49
N GLN B 155 14.21 -17.36 -14.77
CA GLN B 155 14.17 -17.37 -13.31
C GLN B 155 12.72 -17.24 -12.86
N SER B 156 12.22 -18.27 -12.16
CA SER B 156 10.80 -18.28 -11.80
C SER B 156 10.67 -18.56 -10.32
N GLY B 157 10.17 -17.60 -9.57
CA GLY B 157 9.91 -17.80 -8.15
C GLY B 157 10.95 -17.18 -7.24
N ASN B 158 12.03 -16.64 -7.79
CA ASN B 158 13.12 -16.05 -7.01
C ASN B 158 13.27 -14.56 -7.28
N SER B 159 12.20 -13.89 -7.71
CA SER B 159 12.16 -12.44 -7.82
C SER B 159 10.96 -11.87 -7.07
N GLN B 160 11.12 -10.60 -6.70
CA GLN B 160 10.02 -9.82 -6.13
C GLN B 160 10.06 -8.42 -6.67
N GLU B 161 8.91 -7.77 -6.76
CA GLU B 161 8.85 -6.44 -7.34
C GLU B 161 7.86 -5.59 -6.55
N SER B 162 8.02 -4.29 -6.73
CA SER B 162 7.06 -3.32 -6.21
C SER B 162 7.05 -2.08 -7.08
N VAL B 163 5.99 -1.27 -6.91
CA VAL B 163 5.70 -0.13 -7.78
C VAL B 163 5.39 1.08 -6.93
N THR B 164 5.91 2.23 -7.32
CA THR B 164 5.62 3.48 -6.60
C THR B 164 4.20 3.95 -6.91
N GLU B 165 3.75 4.87 -6.06
CA GLU B 165 2.53 5.55 -6.39
C GLU B 165 2.82 6.53 -7.49
N GLN B 166 1.77 6.98 -8.12
CA GLN B 166 1.93 7.87 -9.20
C GLN B 166 2.64 9.15 -8.86
N ASP B 167 3.45 9.63 -9.78
CA ASP B 167 4.18 10.83 -9.59
C ASP B 167 3.23 12.01 -9.68
N SER B 168 3.39 12.95 -8.79
CA SER B 168 2.51 14.12 -8.70
C SER B 168 2.47 15.01 -9.88
N LYS B 169 3.60 15.17 -10.52
CA LYS B 169 3.68 16.04 -11.64
C LYS B 169 3.55 15.36 -12.96
N ASP B 170 4.20 14.22 -13.14
CA ASP B 170 4.17 13.59 -14.46
C ASP B 170 3.22 12.41 -14.69
N SER B 171 2.54 11.97 -13.64
CA SER B 171 1.56 10.88 -13.72
C SER B 171 2.16 9.50 -13.89
N THR B 172 3.48 9.44 -13.82
CA THR B 172 4.11 8.19 -14.07
C THR B 172 4.32 7.26 -12.89
N TYR B 173 4.62 6.03 -13.22
CA TYR B 173 4.93 5.02 -12.22
C TYR B 173 6.38 4.57 -12.42
N SER B 174 6.96 4.00 -11.37
CA SER B 174 8.21 3.27 -11.53
C SER B 174 8.10 1.92 -10.85
N LEU B 175 8.93 0.95 -11.27
CA LEU B 175 8.85 -0.40 -10.76
C LEU B 175 10.29 -0.86 -10.52
N SER B 176 10.50 -1.56 -9.40
N SER B 176 10.52 -1.52 -9.38
CA SER B 176 11.78 -2.16 -9.08
CA SER B 176 11.79 -2.14 -9.05
C SER B 176 11.56 -3.65 -8.86
C SER B 176 11.56 -3.63 -8.88
N SER B 177 12.41 -4.47 -9.50
CA SER B 177 12.36 -5.91 -9.36
C SER B 177 13.72 -6.40 -8.90
N THR B 178 13.76 -7.29 -7.92
CA THR B 178 15.00 -7.82 -7.38
C THR B 178 15.00 -9.32 -7.63
N LEU B 179 16.05 -9.81 -8.31
CA LEU B 179 16.31 -11.23 -8.40
C LEU B 179 17.27 -11.62 -7.29
N THR B 180 16.92 -12.64 -6.51
CA THR B 180 17.78 -13.12 -5.45
C THR B 180 18.47 -14.42 -5.84
N LEU B 181 19.78 -14.47 -5.72
CA LEU B 181 20.47 -15.74 -5.92
C LEU B 181 21.60 -15.86 -4.93
N SER B 182 22.06 -17.08 -4.71
CA SER B 182 23.21 -17.21 -3.85
C SER B 182 24.46 -16.61 -4.50
N LYS B 183 25.42 -16.26 -3.69
CA LYS B 183 26.68 -15.81 -4.23
C LYS B 183 27.36 -16.87 -5.11
N ALA B 184 27.35 -18.12 -4.65
CA ALA B 184 27.96 -19.18 -5.45
C ALA B 184 27.30 -19.28 -6.81
N ASP B 185 25.99 -19.20 -6.84
CA ASP B 185 25.31 -19.26 -8.13
C ASP B 185 25.61 -18.03 -8.98
N TYR B 186 25.62 -16.83 -8.38
CA TYR B 186 25.91 -15.64 -9.18
C TYR B 186 27.31 -15.74 -9.80
N GLU B 187 28.26 -16.26 -9.04
CA GLU B 187 29.64 -16.35 -9.52
C GLU B 187 29.84 -17.45 -10.55
N LYS B 188 28.88 -18.37 -10.67
CA LYS B 188 28.98 -19.44 -11.67
C LYS B 188 28.37 -19.07 -13.02
N HIS B 189 27.76 -17.89 -13.17
CA HIS B 189 27.05 -17.52 -14.41
C HIS B 189 27.51 -16.16 -14.92
N LYS B 190 27.26 -15.91 -16.21
CA LYS B 190 27.81 -14.71 -16.85
C LYS B 190 26.75 -13.69 -17.24
N VAL B 191 25.74 -14.13 -17.96
CA VAL B 191 24.75 -13.23 -18.55
C VAL B 191 23.49 -12.98 -17.73
N TYR B 192 23.27 -11.75 -17.36
CA TYR B 192 22.14 -11.38 -16.52
C TYR B 192 21.27 -10.46 -17.31
N ALA B 193 20.01 -10.83 -17.43
CA ALA B 193 19.12 -10.09 -18.26
C ALA B 193 17.73 -9.82 -17.71
N CYS B 194 17.28 -8.60 -17.90
CA CYS B 194 15.94 -8.15 -17.51
C CYS B 194 15.21 -7.77 -18.81
N GLU B 195 14.15 -8.49 -19.15
CA GLU B 195 13.36 -8.20 -20.34
C GLU B 195 12.04 -7.57 -19.91
N VAL B 196 11.71 -6.44 -20.50
CA VAL B 196 10.56 -5.64 -20.10
C VAL B 196 9.55 -5.57 -21.23
N THR B 197 8.27 -5.78 -20.88
CA THR B 197 7.14 -5.60 -21.80
C THR B 197 6.25 -4.49 -21.26
N HIS B 198 5.87 -3.55 -22.12
CA HIS B 198 5.03 -2.42 -21.74
C HIS B 198 4.38 -1.83 -22.97
N GLN B 199 3.15 -1.31 -22.79
CA GLN B 199 2.36 -0.74 -23.90
C GLN B 199 3.13 0.29 -24.73
N GLY B 200 4.02 1.06 -24.12
CA GLY B 200 4.74 2.12 -24.77
C GLY B 200 5.88 1.64 -25.67
N LEU B 201 6.14 0.34 -25.67
CA LEU B 201 7.17 -0.29 -26.50
C LEU B 201 6.45 -1.12 -27.57
N ARG B 202 7.00 -1.11 -28.80
CA ARG B 202 6.37 -1.92 -29.86
C ARG B 202 6.61 -3.40 -29.68
N SER B 203 7.68 -3.77 -28.97
CA SER B 203 8.00 -5.15 -28.64
C SER B 203 8.94 -5.08 -27.42
N PRO B 204 9.30 -6.21 -26.83
CA PRO B 204 10.07 -6.13 -25.56
C PRO B 204 11.43 -5.45 -25.72
N VAL B 205 11.93 -4.89 -24.61
CA VAL B 205 13.29 -4.39 -24.54
C VAL B 205 14.03 -5.21 -23.50
N THR B 206 15.32 -5.42 -23.70
CA THR B 206 16.12 -6.18 -22.75
C THR B 206 17.33 -5.35 -22.34
N LYS B 207 17.56 -5.26 -21.05
CA LYS B 207 18.80 -4.71 -20.53
C LYS B 207 19.57 -5.82 -19.85
N SER B 208 20.86 -5.85 -20.07
CA SER B 208 21.66 -6.98 -19.62
C SER B 208 23.07 -6.54 -19.26
N PHE B 209 23.77 -7.42 -18.53
CA PHE B 209 25.19 -7.24 -18.31
C PHE B 209 25.87 -8.61 -18.23
N ASN B 210 27.19 -8.59 -18.46
CA ASN B 210 28.05 -9.72 -18.17
C ASN B 210 28.69 -9.47 -16.81
N ARG B 211 28.60 -10.47 -15.94
CA ARG B 211 29.21 -10.36 -14.61
C ARG B 211 30.64 -9.88 -14.70
N GLY B 212 30.94 -8.85 -13.90
CA GLY B 212 32.28 -8.30 -13.83
C GLY B 212 32.55 -7.14 -14.76
N GLU B 213 31.65 -6.83 -15.70
CA GLU B 213 31.98 -5.80 -16.69
C GLU B 213 31.98 -4.44 -16.01
N CYS B 214 32.72 -3.50 -16.57
CA CYS B 214 32.77 -2.13 -16.02
C CYS B 214 31.52 -1.34 -16.39
#